data_8K57
#
_entry.id   8K57
#
_cell.length_a   87.470
_cell.length_b   34.760
_cell.length_c   93.365
_cell.angle_alpha   90.000
_cell.angle_beta   105.722
_cell.angle_gamma   90.000
#
_symmetry.space_group_name_H-M   'I 1 2 1'
#
loop_
_entity.id
_entity.type
_entity.pdbx_description
1 polymer 'sulfur transferase'
2 water water
#
_entity_poly.entity_id   1
_entity_poly.type   'polypeptide(L)'
_entity_poly.pdbx_seq_one_letter_code
;GSHMSVDLDPSARFAEYAHPERLVSTEWLAAHLGDEGLVVVESDEDVLLYETGHIPGAVKVDWHTDLNDPVQRDYIDGAA
FAALLGERGISRDTTVVIYGDKNNWWAAYALWVFTLFGHDDVRLLDGGRSKWEAEGRAYTTDAPTVAATSYPVVERDDSR
IRAYRDDVLAHFGKPLIDVRSPEEFSGARTTAPAYPEEGALRAGHIPSAQNVPWGKAAAEDGTFRTLAELDALYRDGAGL
KDGDDVVAYCRIGERSSHTWFVLQHLLGFENVRNYDGSWTEWGSAVRVPIVQGSEPGEAPAPIVGR
;
_entity_poly.pdbx_strand_id   A
#
# COMPACT_ATOMS: atom_id res chain seq x y z
N VAL A 6 12.93 19.63 -2.67
CA VAL A 6 13.71 18.57 -1.94
C VAL A 6 14.12 17.48 -2.96
N ASP A 7 15.38 17.06 -2.92
CA ASP A 7 16.06 16.34 -4.03
C ASP A 7 15.67 14.85 -4.02
N LEU A 8 16.18 14.11 -5.00
CA LEU A 8 15.95 12.67 -5.23
C LEU A 8 17.13 11.87 -4.69
N ASP A 9 16.90 10.60 -4.38
CA ASP A 9 17.92 9.65 -3.88
C ASP A 9 18.54 8.97 -5.11
N PRO A 10 19.85 9.17 -5.38
CA PRO A 10 20.50 8.58 -6.55
C PRO A 10 20.94 7.12 -6.36
N SER A 11 20.67 6.51 -5.20
CA SER A 11 21.03 5.11 -4.92
C SER A 11 20.89 4.30 -6.23
N ALA A 12 21.95 3.57 -6.60
CA ALA A 12 22.00 2.69 -7.79
C ALA A 12 20.92 1.61 -7.68
N ARG A 13 20.54 1.23 -6.44
CA ARG A 13 19.55 0.17 -6.18
C ARG A 13 18.19 0.59 -6.75
N PHE A 14 17.77 1.83 -6.52
CA PHE A 14 16.42 2.32 -6.93
C PHE A 14 16.41 2.62 -8.44
N ALA A 15 17.58 2.81 -9.04
CA ALA A 15 17.73 3.38 -10.40
C ALA A 15 17.14 2.42 -11.44
N GLU A 16 17.22 1.11 -11.22
CA GLU A 16 16.61 0.07 -12.09
C GLU A 16 15.07 0.17 -12.05
N TYR A 17 14.48 0.63 -10.95
CA TYR A 17 13.00 0.67 -10.78
C TYR A 17 12.39 1.73 -11.73
N ALA A 18 11.12 1.54 -12.07
CA ALA A 18 10.36 2.40 -13.02
C ALA A 18 10.30 3.85 -12.49
N HIS A 19 9.99 4.04 -11.20
CA HIS A 19 9.91 5.38 -10.57
C HIS A 19 10.85 5.44 -9.36
N PRO A 20 12.16 5.63 -9.60
CA PRO A 20 13.13 5.70 -8.50
C PRO A 20 12.79 6.81 -7.52
N GLU A 21 12.08 7.85 -8.00
CA GLU A 21 11.69 9.04 -7.18
C GLU A 21 10.70 8.65 -6.08
N ARG A 22 10.17 7.43 -6.13
CA ARG A 22 9.18 6.97 -5.13
C ARG A 22 9.86 6.34 -3.90
N LEU A 23 11.20 6.18 -3.95
CA LEU A 23 12.02 5.54 -2.88
C LEU A 23 13.12 6.47 -2.38
N VAL A 24 13.32 6.46 -1.06
CA VAL A 24 14.51 7.06 -0.40
C VAL A 24 15.06 6.01 0.55
N SER A 25 16.39 5.97 0.68
CA SER A 25 17.13 5.16 1.69
C SER A 25 17.11 5.83 3.08
N THR A 26 17.33 5.02 4.11
CA THR A 26 17.67 5.42 5.50
C THR A 26 18.83 6.44 5.48
N GLU A 27 19.90 6.21 4.72
CA GLU A 27 21.07 7.14 4.77
C GLU A 27 20.67 8.50 4.20
N TRP A 28 19.86 8.56 3.14
CA TRP A 28 19.35 9.83 2.53
C TRP A 28 18.46 10.56 3.55
N LEU A 29 17.51 9.86 4.16
CA LEU A 29 16.56 10.50 5.10
C LEU A 29 17.34 11.06 6.28
N ALA A 30 18.31 10.31 6.82
CA ALA A 30 19.17 10.74 7.95
C ALA A 30 19.87 12.05 7.59
N ALA A 31 20.42 12.13 6.38
CA ALA A 31 21.07 13.32 5.82
C ALA A 31 20.07 14.48 5.66
N HIS A 32 18.77 14.20 5.57
CA HIS A 32 17.74 15.19 5.16
C HIS A 32 16.79 15.54 6.30
N LEU A 33 16.92 14.95 7.49
CA LEU A 33 16.05 15.25 8.65
C LEU A 33 16.14 16.74 9.02
N GLY A 34 14.98 17.38 9.13
CA GLY A 34 14.90 18.82 9.44
C GLY A 34 14.74 19.66 8.18
N ASP A 35 15.11 19.15 6.99
CA ASP A 35 15.09 19.98 5.75
C ASP A 35 13.70 20.62 5.60
N GLU A 36 13.66 21.91 5.23
CA GLU A 36 12.40 22.58 4.83
C GLU A 36 11.91 21.87 3.57
N GLY A 37 10.60 21.65 3.43
CA GLY A 37 9.97 20.96 2.28
C GLY A 37 9.85 19.46 2.49
N LEU A 38 10.33 18.92 3.62
CA LEU A 38 10.29 17.47 3.95
C LEU A 38 9.42 17.27 5.19
N VAL A 39 8.42 16.38 5.09
CA VAL A 39 7.69 15.86 6.28
C VAL A 39 7.68 14.33 6.24
N VAL A 40 8.06 13.74 7.38
CA VAL A 40 8.15 12.27 7.57
C VAL A 40 6.86 11.82 8.28
N VAL A 41 6.25 10.75 7.76
CA VAL A 41 4.99 10.18 8.28
C VAL A 41 5.22 8.71 8.64
N GLU A 42 4.93 8.38 9.90
CA GLU A 42 4.83 6.98 10.36
C GLU A 42 3.41 6.47 10.04
N SER A 43 3.30 5.41 9.23
CA SER A 43 2.03 4.72 8.91
C SER A 43 2.22 3.23 9.21
N ASP A 44 1.69 2.79 10.38
CA ASP A 44 1.94 1.43 10.94
C ASP A 44 0.61 0.68 10.99
N GLU A 45 0.64 -0.63 10.72
CA GLU A 45 -0.53 -1.50 11.05
C GLU A 45 -0.80 -1.44 12.57
N ASP A 46 0.26 -1.60 13.39
CA ASP A 46 0.22 -1.42 14.87
C ASP A 46 0.49 0.06 15.20
N VAL A 47 -0.55 0.86 15.39
CA VAL A 47 -0.47 2.35 15.47
C VAL A 47 0.25 2.75 16.76
N LEU A 48 0.38 1.83 17.73
CA LEU A 48 1.01 2.08 19.06
C LEU A 48 2.54 2.09 18.96
N LEU A 49 3.14 1.65 17.85
CA LEU A 49 4.62 1.61 17.73
C LEU A 49 5.16 3.05 17.76
N TYR A 50 4.38 4.02 17.27
CA TYR A 50 4.89 5.40 17.11
C TYR A 50 5.40 5.85 18.48
N GLU A 51 4.63 5.56 19.52
CA GLU A 51 4.86 6.06 20.90
C GLU A 51 6.03 5.31 21.53
N THR A 52 6.45 4.16 20.97
CA THR A 52 7.64 3.41 21.48
C THR A 52 8.92 4.11 21.06
N GLY A 53 8.85 4.95 20.03
CA GLY A 53 10.03 5.52 19.35
C GLY A 53 9.79 5.61 17.86
N HIS A 54 10.04 6.79 17.31
CA HIS A 54 9.78 7.17 15.90
C HIS A 54 10.88 8.10 15.42
N ILE A 55 10.93 8.29 14.09
CA ILE A 55 12.01 9.07 13.45
C ILE A 55 11.80 10.52 13.83
N PRO A 56 12.82 11.22 14.31
CA PRO A 56 12.64 12.59 14.80
C PRO A 56 12.00 13.49 13.75
N GLY A 57 11.03 14.30 14.16
CA GLY A 57 10.23 15.23 13.33
C GLY A 57 9.02 14.55 12.72
N ALA A 58 8.92 13.23 12.85
CA ALA A 58 7.92 12.37 12.19
C ALA A 58 6.58 12.52 12.90
N VAL A 59 5.53 12.55 12.10
CA VAL A 59 4.12 12.54 12.52
C VAL A 59 3.57 11.14 12.23
N LYS A 60 2.38 10.89 12.74
CA LYS A 60 1.69 9.60 12.74
C LYS A 60 0.41 9.82 11.94
N VAL A 61 0.06 8.85 11.12
CA VAL A 61 -1.31 8.68 10.54
C VAL A 61 -1.84 7.36 11.06
N ASP A 62 -3.00 7.42 11.71
CA ASP A 62 -3.66 6.27 12.37
C ASP A 62 -4.82 5.82 11.48
N TRP A 63 -4.67 4.64 10.88
CA TRP A 63 -5.63 4.06 9.91
C TRP A 63 -6.99 3.78 10.58
N HIS A 64 -7.03 3.50 11.89
CA HIS A 64 -8.29 3.29 12.67
C HIS A 64 -9.13 4.56 12.73
N THR A 65 -8.53 5.77 12.86
CA THR A 65 -9.26 7.03 13.19
C THR A 65 -9.16 8.10 12.09
N ASP A 66 -8.05 8.15 11.34
CA ASP A 66 -7.67 9.29 10.47
C ASP A 66 -8.04 9.05 9.00
N LEU A 67 -8.01 7.82 8.47
CA LEU A 67 -8.05 7.60 7.01
C LEU A 67 -9.41 7.09 6.52
N ASN A 68 -10.25 6.59 7.43
CA ASN A 68 -11.55 5.94 7.08
C ASN A 68 -12.72 6.78 7.60
N ASP A 69 -13.86 6.77 6.89
CA ASP A 69 -15.15 7.30 7.42
C ASP A 69 -15.40 6.53 8.71
N PRO A 70 -15.84 7.20 9.80
CA PRO A 70 -16.06 6.52 11.09
C PRO A 70 -17.17 5.44 11.18
N VAL A 71 -18.17 5.48 10.30
CA VAL A 71 -19.38 4.61 10.34
C VAL A 71 -19.46 3.72 9.08
N GLN A 72 -19.19 4.33 7.94
CA GLN A 72 -19.40 3.81 6.58
C GLN A 72 -18.08 3.25 6.03
N ARG A 73 -18.09 2.25 5.13
CA ARG A 73 -16.84 1.65 4.60
C ARG A 73 -16.35 2.47 3.40
N ASP A 74 -15.58 3.53 3.64
CA ASP A 74 -14.90 4.32 2.60
C ASP A 74 -13.81 5.17 3.26
N TYR A 75 -12.85 5.61 2.44
CA TYR A 75 -11.75 6.54 2.82
C TYR A 75 -12.38 7.92 3.01
N ILE A 76 -11.73 8.77 3.78
CA ILE A 76 -12.25 10.14 4.12
C ILE A 76 -12.43 10.91 2.81
N ASP A 77 -13.05 12.09 2.89
CA ASP A 77 -13.13 13.05 1.77
C ASP A 77 -11.96 14.06 1.83
N GLY A 78 -11.89 14.98 0.87
CA GLY A 78 -10.78 15.93 0.69
C GLY A 78 -10.74 17.04 1.73
N ALA A 79 -11.86 17.41 2.35
CA ALA A 79 -11.88 18.37 3.48
C ALA A 79 -11.16 17.73 4.68
N ALA A 80 -11.55 16.52 5.09
CA ALA A 80 -10.95 15.82 6.25
C ALA A 80 -9.49 15.54 5.93
N PHE A 81 -9.16 15.24 4.68
CA PHE A 81 -7.74 14.99 4.28
C PHE A 81 -6.92 16.25 4.40
N ALA A 82 -7.45 17.38 3.92
CA ALA A 82 -6.82 18.73 4.03
C ALA A 82 -6.53 19.10 5.49
N ALA A 83 -7.47 18.86 6.40
CA ALA A 83 -7.35 19.16 7.84
C ALA A 83 -6.29 18.22 8.47
N LEU A 84 -6.27 16.96 8.06
CA LEU A 84 -5.27 15.98 8.52
C LEU A 84 -3.86 16.48 8.20
N LEU A 85 -3.63 16.90 6.95
CA LEU A 85 -2.27 17.21 6.43
C LEU A 85 -1.83 18.59 6.94
N GLY A 86 -2.72 19.57 7.01
CA GLY A 86 -2.40 20.92 7.53
C GLY A 86 -2.00 20.86 9.00
N GLU A 87 -2.75 20.10 9.79
CA GLU A 87 -2.52 19.86 11.25
C GLU A 87 -1.08 19.34 11.47
N ARG A 88 -0.54 18.64 10.48
CA ARG A 88 0.78 17.96 10.51
C ARG A 88 1.85 18.78 9.79
N GLY A 89 1.57 20.04 9.43
CA GLY A 89 2.52 20.93 8.75
C GLY A 89 2.88 20.48 7.32
N ILE A 90 2.00 19.76 6.63
CA ILE A 90 2.21 19.36 5.21
C ILE A 90 1.43 20.33 4.32
N SER A 91 2.09 20.94 3.35
CA SER A 91 1.50 21.81 2.29
C SER A 91 1.44 21.01 0.98
N ARG A 92 0.81 21.56 -0.06
CA ARG A 92 0.56 20.84 -1.32
C ARG A 92 1.89 20.39 -1.95
N ASP A 93 2.92 21.22 -1.81
CA ASP A 93 4.27 21.09 -2.41
C ASP A 93 5.25 20.31 -1.51
N THR A 94 4.83 19.88 -0.31
CA THR A 94 5.73 19.15 0.62
C THR A 94 6.09 17.77 0.03
N THR A 95 7.38 17.44 0.06
CA THR A 95 7.87 16.06 -0.10
C THR A 95 7.50 15.27 1.16
N VAL A 96 6.69 14.23 1.00
CA VAL A 96 6.27 13.34 2.10
C VAL A 96 6.99 12.01 1.92
N VAL A 97 7.71 11.61 2.97
CA VAL A 97 8.40 10.31 3.14
C VAL A 97 7.67 9.54 4.24
N ILE A 98 7.20 8.35 3.91
CA ILE A 98 6.36 7.51 4.79
C ILE A 98 7.15 6.25 5.06
N TYR A 99 7.21 5.83 6.32
CA TYR A 99 7.82 4.56 6.77
C TYR A 99 6.90 3.97 7.81
N GLY A 100 6.96 2.66 8.05
CA GLY A 100 6.22 2.05 9.16
C GLY A 100 6.59 0.59 9.35
N ASP A 101 5.84 -0.11 10.17
CA ASP A 101 6.15 -1.51 10.60
C ASP A 101 5.88 -2.48 9.43
N LYS A 102 6.04 -3.77 9.68
CA LYS A 102 5.71 -4.89 8.74
C LYS A 102 6.21 -4.60 7.32
N ASN A 103 7.44 -4.10 7.18
CA ASN A 103 8.14 -3.95 5.87
C ASN A 103 7.41 -2.95 4.97
N ASN A 104 6.86 -1.87 5.58
CA ASN A 104 6.21 -0.73 4.90
C ASN A 104 4.82 -1.14 4.34
N TRP A 105 4.25 -2.25 4.84
CA TRP A 105 2.91 -2.76 4.46
C TRP A 105 1.90 -1.60 4.47
N TRP A 106 1.82 -0.89 5.60
CA TRP A 106 0.88 0.24 5.83
C TRP A 106 1.42 1.54 5.26
N ALA A 107 2.73 1.64 5.13
CA ALA A 107 3.38 2.82 4.55
C ALA A 107 2.87 2.97 3.11
N ALA A 108 2.83 1.85 2.39
CA ALA A 108 2.35 1.76 1.00
C ALA A 108 0.87 2.16 0.96
N TYR A 109 0.12 1.76 1.99
CA TYR A 109 -1.35 1.99 2.04
C TYR A 109 -1.56 3.50 2.16
N ALA A 110 -0.79 4.14 3.04
CA ALA A 110 -0.84 5.59 3.25
C ALA A 110 -0.46 6.28 1.94
N LEU A 111 0.62 5.82 1.28
CA LEU A 111 1.09 6.42 -0.01
C LEU A 111 -0.09 6.36 -0.99
N TRP A 112 -0.79 5.22 -1.02
CA TRP A 112 -1.96 5.00 -1.90
C TRP A 112 -3.06 6.02 -1.60
N VAL A 113 -3.45 6.21 -0.33
CA VAL A 113 -4.43 7.27 0.06
C VAL A 113 -3.95 8.66 -0.38
N PHE A 114 -2.68 8.98 -0.23
CA PHE A 114 -2.16 10.32 -0.64
C PHE A 114 -2.41 10.51 -2.14
N THR A 115 -2.17 9.47 -2.93
CA THR A 115 -2.30 9.45 -4.41
C THR A 115 -3.77 9.66 -4.81
N LEU A 116 -4.70 9.03 -4.10
CA LEU A 116 -6.14 9.30 -4.33
C LEU A 116 -6.34 10.82 -4.28
N PHE A 117 -5.64 11.50 -3.38
CA PHE A 117 -5.81 12.96 -3.15
C PHE A 117 -4.82 13.75 -4.01
N GLY A 118 -4.10 13.07 -4.88
CA GLY A 118 -3.33 13.74 -5.94
C GLY A 118 -2.11 14.45 -5.40
N HIS A 119 -1.61 14.03 -4.23
CA HIS A 119 -0.32 14.50 -3.65
C HIS A 119 0.82 13.82 -4.42
N ASP A 120 1.61 14.59 -5.18
CA ASP A 120 2.64 14.06 -6.12
C ASP A 120 3.86 13.47 -5.38
N ASP A 121 4.57 14.28 -4.59
CA ASP A 121 5.88 13.88 -4.00
C ASP A 121 5.62 13.13 -2.68
N VAL A 122 5.24 11.86 -2.82
CA VAL A 122 5.14 10.90 -1.69
C VAL A 122 6.11 9.79 -2.05
N ARG A 123 6.80 9.29 -1.04
CA ARG A 123 7.95 8.39 -1.17
C ARG A 123 7.97 7.48 0.04
N LEU A 124 8.42 6.24 -0.17
CA LEU A 124 8.58 5.23 0.89
C LEU A 124 10.06 5.23 1.29
N LEU A 125 10.31 5.14 2.59
CA LEU A 125 11.62 4.86 3.21
C LEU A 125 11.87 3.35 3.12
N ASP A 126 12.58 2.90 2.09
CA ASP A 126 12.96 1.48 1.88
C ASP A 126 13.42 0.86 3.21
N GLY A 127 12.78 -0.22 3.62
CA GLY A 127 13.18 -0.99 4.81
C GLY A 127 12.41 -0.56 6.05
N GLY A 128 11.60 0.51 5.94
CA GLY A 128 10.73 1.09 6.98
C GLY A 128 11.40 1.17 8.34
N ARG A 129 10.65 0.91 9.42
CA ARG A 129 11.14 0.89 10.82
C ARG A 129 12.23 -0.17 11.01
N SER A 130 12.09 -1.34 10.41
CA SER A 130 13.06 -2.46 10.52
C SER A 130 14.46 -1.97 10.24
N LYS A 131 14.68 -1.39 9.08
CA LYS A 131 16.03 -1.08 8.57
C LYS A 131 16.57 0.17 9.28
N TRP A 132 15.71 1.09 9.73
CA TRP A 132 16.11 2.26 10.55
C TRP A 132 16.63 1.72 11.88
N GLU A 133 15.92 0.77 12.48
CA GLU A 133 16.28 0.14 13.77
C GLU A 133 17.54 -0.72 13.67
N ALA A 134 17.65 -1.56 12.64
CA ALA A 134 18.76 -2.53 12.46
C ALA A 134 20.08 -1.78 12.24
N GLU A 135 20.05 -0.63 11.57
CA GLU A 135 21.23 0.26 11.39
C GLU A 135 21.36 1.18 12.62
N GLY A 136 20.68 0.87 13.72
CA GLY A 136 20.83 1.59 14.99
C GLY A 136 20.67 3.09 14.83
N ARG A 137 19.74 3.57 14.01
CA ARG A 137 19.50 5.03 13.91
C ARG A 137 18.49 5.43 14.98
N ALA A 138 18.51 6.72 15.36
CA ALA A 138 17.89 7.23 16.60
C ALA A 138 16.38 7.30 16.43
N TYR A 139 15.65 6.84 17.44
CA TYR A 139 14.22 7.17 17.62
C TYR A 139 14.10 8.28 18.66
N THR A 140 12.95 8.95 18.78
CA THR A 140 12.56 9.79 19.93
C THR A 140 11.15 9.34 20.34
N THR A 141 10.82 9.51 21.62
CA THR A 141 9.46 9.31 22.18
C THR A 141 8.82 10.70 22.43
N ASP A 142 9.48 11.80 22.05
CA ASP A 142 8.92 13.17 22.17
C ASP A 142 7.78 13.31 21.16
N ALA A 143 6.58 13.66 21.60
CA ALA A 143 5.48 14.12 20.73
C ALA A 143 6.03 15.27 19.88
N PRO A 144 6.37 15.09 18.57
CA PRO A 144 6.92 16.17 17.76
C PRO A 144 6.00 17.40 17.76
N THR A 145 6.58 18.55 17.45
CA THR A 145 5.91 19.86 17.59
C THR A 145 5.89 20.48 16.19
N VAL A 146 4.69 20.72 15.65
CA VAL A 146 4.52 21.09 14.21
C VAL A 146 3.70 22.39 14.13
N ALA A 147 4.20 23.35 13.36
CA ALA A 147 3.42 24.50 12.86
C ALA A 147 2.39 23.97 11.86
N ALA A 148 1.11 24.25 12.10
CA ALA A 148 -0.01 23.97 11.18
C ALA A 148 0.21 24.76 9.90
N THR A 149 -0.11 24.15 8.75
CA THR A 149 -0.13 24.79 7.41
C THR A 149 -1.54 24.66 6.84
N SER A 150 -1.75 25.25 5.67
CA SER A 150 -2.95 25.12 4.81
C SER A 150 -2.69 24.06 3.77
N TYR A 151 -3.63 23.15 3.58
CA TYR A 151 -3.61 22.15 2.49
C TYR A 151 -4.88 22.34 1.67
N PRO A 152 -4.82 22.33 0.33
CA PRO A 152 -6.02 22.61 -0.46
C PRO A 152 -7.02 21.46 -0.27
N VAL A 153 -8.30 21.79 -0.34
CA VAL A 153 -9.39 20.80 -0.50
C VAL A 153 -9.47 20.43 -1.98
N VAL A 154 -9.05 19.21 -2.33
CA VAL A 154 -9.24 18.56 -3.65
C VAL A 154 -10.22 17.37 -3.52
N GLU A 155 -11.02 17.13 -4.55
CA GLU A 155 -11.92 15.96 -4.66
C GLU A 155 -11.05 14.71 -4.75
N ARG A 156 -11.42 13.65 -4.01
CA ARG A 156 -10.70 12.35 -4.04
C ARG A 156 -10.90 11.74 -5.42
N ASP A 157 -9.82 11.25 -6.01
CA ASP A 157 -9.78 10.59 -7.35
C ASP A 157 -9.65 9.08 -7.18
N ASP A 158 -10.77 8.37 -7.28
CA ASP A 158 -10.85 6.89 -7.32
C ASP A 158 -10.67 6.33 -8.77
N SER A 159 -10.50 7.17 -9.80
CA SER A 159 -10.47 6.73 -11.24
C SER A 159 -9.31 5.80 -11.54
N ARG A 160 -8.10 6.12 -11.09
CA ARG A 160 -6.85 5.59 -11.68
C ARG A 160 -6.35 4.34 -10.92
N ILE A 161 -6.54 4.25 -9.60
CA ILE A 161 -5.79 3.28 -8.71
C ILE A 161 -6.74 2.52 -7.80
N ARG A 162 -8.04 2.66 -7.98
CA ARG A 162 -8.98 1.99 -7.06
C ARG A 162 -10.00 1.25 -7.92
N ALA A 163 -10.40 0.08 -7.44
CA ALA A 163 -11.36 -0.79 -8.14
C ALA A 163 -12.49 -1.07 -7.18
N TYR A 164 -13.71 -0.91 -7.65
CA TYR A 164 -14.92 -1.35 -6.93
C TYR A 164 -15.31 -2.76 -7.40
N ARG A 165 -16.20 -3.37 -6.64
CA ARG A 165 -16.72 -4.74 -6.86
C ARG A 165 -17.16 -4.88 -8.33
N ASP A 166 -17.99 -3.96 -8.81
CA ASP A 166 -18.67 -4.11 -10.12
C ASP A 166 -17.61 -3.94 -11.22
N ASP A 167 -16.53 -3.20 -10.95
CA ASP A 167 -15.33 -3.08 -11.84
C ASP A 167 -14.61 -4.44 -11.91
N VAL A 168 -14.52 -5.18 -10.80
CA VAL A 168 -13.80 -6.47 -10.76
C VAL A 168 -14.67 -7.53 -11.43
N LEU A 169 -15.99 -7.44 -11.31
CA LEU A 169 -16.94 -8.39 -11.96
C LEU A 169 -16.81 -8.23 -13.48
N ALA A 170 -16.59 -7.01 -13.95
CA ALA A 170 -16.45 -6.74 -15.40
C ALA A 170 -15.00 -6.96 -15.84
N HIS A 171 -14.11 -7.41 -14.95
CA HIS A 171 -12.64 -7.46 -15.22
C HIS A 171 -12.20 -8.83 -15.75
N PHE A 172 -13.01 -9.88 -15.61
CA PHE A 172 -12.59 -11.27 -15.98
C PHE A 172 -12.00 -11.27 -17.40
N GLY A 173 -10.95 -12.06 -17.63
CA GLY A 173 -10.11 -12.05 -18.85
C GLY A 173 -8.94 -11.08 -18.74
N LYS A 174 -8.90 -10.28 -17.68
CA LYS A 174 -7.79 -9.34 -17.40
C LYS A 174 -7.23 -9.71 -16.04
N PRO A 175 -5.93 -9.43 -15.77
CA PRO A 175 -5.21 -10.13 -14.71
C PRO A 175 -5.55 -9.62 -13.30
N LEU A 176 -5.57 -10.57 -12.36
CA LEU A 176 -5.92 -10.39 -10.95
C LEU A 176 -4.80 -10.97 -10.09
N ILE A 177 -4.31 -10.15 -9.17
CA ILE A 177 -3.32 -10.62 -8.15
C ILE A 177 -3.99 -10.61 -6.78
N ASP A 178 -4.06 -11.80 -6.18
CA ASP A 178 -4.52 -12.11 -4.82
C ASP A 178 -3.30 -12.32 -3.95
N VAL A 179 -3.12 -11.42 -3.00
CA VAL A 179 -1.84 -11.20 -2.28
C VAL A 179 -1.91 -11.86 -0.90
N ARG A 180 -2.93 -12.72 -0.70
CA ARG A 180 -3.28 -13.38 0.60
C ARG A 180 -2.44 -14.65 0.76
N SER A 181 -2.33 -15.18 1.99
CA SER A 181 -1.63 -16.45 2.25
C SER A 181 -2.21 -17.53 1.34
N PRO A 182 -1.46 -18.56 0.89
CA PRO A 182 -2.02 -19.61 0.06
C PRO A 182 -3.24 -20.32 0.69
N GLU A 183 -3.26 -20.45 2.00
CA GLU A 183 -4.35 -21.14 2.73
C GLU A 183 -5.68 -20.38 2.51
N GLU A 184 -5.66 -19.04 2.54
CA GLU A 184 -6.85 -18.19 2.24
C GLU A 184 -7.17 -18.32 0.75
N PHE A 185 -6.14 -18.23 -0.10
CA PHE A 185 -6.25 -18.40 -1.56
C PHE A 185 -7.06 -19.65 -1.91
N SER A 186 -6.70 -20.77 -1.28
CA SER A 186 -7.23 -22.11 -1.61
C SER A 186 -8.66 -22.25 -1.03
N GLY A 187 -8.99 -21.44 -0.03
CA GLY A 187 -10.23 -21.56 0.75
C GLY A 187 -10.09 -22.57 1.89
N ALA A 188 -8.89 -22.84 2.40
CA ALA A 188 -8.67 -23.76 3.55
C ALA A 188 -9.02 -23.00 4.83
N ARG A 189 -8.76 -21.69 4.82
CA ARG A 189 -9.19 -20.72 5.86
C ARG A 189 -9.94 -19.59 5.12
N THR A 190 -10.90 -18.96 5.79
CA THR A 190 -11.64 -17.77 5.25
C THR A 190 -10.77 -16.51 5.45
N THR A 191 -9.77 -16.59 6.33
CA THR A 191 -8.93 -15.45 6.76
C THR A 191 -7.60 -15.98 7.31
N ALA A 192 -6.65 -15.10 7.56
CA ALA A 192 -5.38 -15.42 8.24
C ALA A 192 -5.66 -15.64 9.74
N PRO A 193 -4.98 -16.60 10.38
CA PRO A 193 -5.11 -16.87 11.82
C PRO A 193 -5.14 -15.63 12.73
N ALA A 194 -4.30 -14.64 12.42
CA ALA A 194 -4.06 -13.43 13.24
C ALA A 194 -5.19 -12.41 13.05
N TYR A 195 -6.05 -12.57 12.04
CA TYR A 195 -7.13 -11.61 11.72
C TYR A 195 -8.48 -12.33 11.64
N PRO A 196 -9.08 -12.70 12.80
CA PRO A 196 -10.41 -13.32 12.80
C PRO A 196 -11.52 -12.34 12.37
N GLU A 197 -11.33 -11.03 12.57
CA GLU A 197 -12.40 -10.02 12.31
C GLU A 197 -12.37 -9.57 10.83
N GLU A 198 -11.50 -10.17 10.00
CA GLU A 198 -11.39 -9.87 8.53
C GLU A 198 -11.76 -11.11 7.71
N GLY A 199 -12.57 -11.99 8.29
CA GLY A 199 -13.19 -13.13 7.59
C GLY A 199 -14.33 -12.69 6.70
N ALA A 200 -14.98 -13.66 6.06
CA ALA A 200 -16.08 -13.50 5.10
C ALA A 200 -17.03 -14.69 5.33
N LEU A 201 -18.18 -14.73 4.66
CA LEU A 201 -19.08 -15.91 4.76
C LEU A 201 -18.42 -17.09 4.03
N ARG A 202 -17.78 -16.83 2.88
CA ARG A 202 -17.30 -17.86 1.91
C ARG A 202 -15.79 -17.77 1.79
N ALA A 203 -15.19 -18.88 1.33
CA ALA A 203 -13.74 -19.14 1.26
C ALA A 203 -13.38 -19.54 -0.16
N GLY A 204 -12.20 -19.11 -0.60
CA GLY A 204 -11.63 -19.33 -1.93
C GLY A 204 -11.02 -18.05 -2.44
N HIS A 205 -10.99 -17.87 -3.77
CA HIS A 205 -10.36 -16.72 -4.45
C HIS A 205 -11.20 -16.36 -5.67
N ILE A 206 -10.93 -15.23 -6.30
CA ILE A 206 -11.65 -14.83 -7.55
C ILE A 206 -11.12 -15.67 -8.70
N PRO A 207 -11.96 -16.39 -9.47
CA PRO A 207 -11.44 -17.28 -10.50
C PRO A 207 -10.49 -16.53 -11.44
N SER A 208 -9.32 -17.10 -11.77
CA SER A 208 -8.25 -16.57 -12.66
C SER A 208 -7.24 -15.70 -11.88
N ALA A 209 -7.50 -15.36 -10.61
CA ALA A 209 -6.54 -14.63 -9.74
C ALA A 209 -5.26 -15.45 -9.56
N GLN A 210 -4.10 -14.79 -9.58
CA GLN A 210 -2.78 -15.45 -9.37
C GLN A 210 -2.39 -15.15 -7.91
N ASN A 211 -2.01 -16.17 -7.14
CA ASN A 211 -1.66 -16.00 -5.71
C ASN A 211 -0.22 -15.50 -5.67
N VAL A 212 0.01 -14.27 -5.21
CA VAL A 212 1.37 -13.72 -4.96
C VAL A 212 1.35 -13.07 -3.57
N PRO A 213 1.57 -13.85 -2.50
CA PRO A 213 1.52 -13.27 -1.16
C PRO A 213 2.43 -12.04 -1.21
N TRP A 214 2.04 -10.95 -0.55
CA TRP A 214 2.65 -9.61 -0.69
C TRP A 214 4.09 -9.59 -0.14
N GLY A 215 4.38 -10.43 0.86
CA GLY A 215 5.70 -10.47 1.53
C GLY A 215 6.83 -10.83 0.57
N LYS A 216 6.55 -11.58 -0.48
CA LYS A 216 7.60 -12.05 -1.44
C LYS A 216 8.27 -10.89 -2.18
N ALA A 217 7.64 -9.71 -2.28
CA ALA A 217 8.19 -8.53 -2.96
C ALA A 217 9.21 -7.80 -2.07
N ALA A 218 9.34 -8.24 -0.81
CA ALA A 218 10.24 -7.67 0.23
C ALA A 218 11.35 -8.67 0.59
N ALA A 219 12.58 -8.18 0.67
CA ALA A 219 13.76 -8.89 1.20
C ALA A 219 13.56 -9.05 2.71
N GLU A 220 14.41 -9.85 3.35
CA GLU A 220 14.30 -10.16 4.80
C GLU A 220 14.55 -8.86 5.58
N ASP A 221 15.38 -7.96 5.03
CA ASP A 221 15.80 -6.69 5.70
C ASP A 221 14.62 -5.70 5.72
N GLY A 222 13.59 -5.94 4.91
CA GLY A 222 12.40 -5.10 4.80
C GLY A 222 12.40 -4.25 3.55
N THR A 223 13.51 -4.19 2.81
CA THR A 223 13.61 -3.46 1.52
C THR A 223 12.85 -4.24 0.43
N PHE A 224 12.35 -3.56 -0.58
CA PHE A 224 11.80 -4.16 -1.83
C PHE A 224 12.88 -4.97 -2.56
N ARG A 225 12.50 -6.13 -3.11
CA ARG A 225 13.42 -7.01 -3.87
C ARG A 225 13.87 -6.28 -5.15
N THR A 226 15.01 -6.71 -5.69
CA THR A 226 15.57 -6.15 -6.93
C THR A 226 14.55 -6.34 -8.04
N LEU A 227 14.57 -5.47 -9.04
CA LEU A 227 13.61 -5.53 -10.17
C LEU A 227 13.57 -6.95 -10.75
N ALA A 228 14.71 -7.61 -10.87
CA ALA A 228 14.83 -8.93 -11.52
C ALA A 228 13.99 -9.91 -10.72
N GLU A 229 14.20 -9.99 -9.40
CA GLU A 229 13.43 -10.87 -8.49
C GLU A 229 11.93 -10.56 -8.66
N LEU A 230 11.55 -9.27 -8.64
CA LEU A 230 10.15 -8.81 -8.84
C LEU A 230 9.67 -9.16 -10.25
N ASP A 231 10.54 -9.10 -11.24
CA ASP A 231 10.18 -9.54 -12.62
C ASP A 231 9.83 -11.02 -12.56
N ALA A 232 10.64 -11.83 -11.90
CA ALA A 232 10.40 -13.28 -11.74
C ALA A 232 8.99 -13.49 -11.17
N LEU A 233 8.68 -12.80 -10.09
CA LEU A 233 7.40 -12.97 -9.33
C LEU A 233 6.22 -12.60 -10.23
N TYR A 234 6.19 -11.40 -10.79
CA TYR A 234 4.92 -10.86 -11.35
C TYR A 234 4.83 -11.13 -12.85
N ARG A 235 5.94 -11.00 -13.57
CA ARG A 235 5.94 -11.15 -15.06
C ARG A 235 5.93 -12.65 -15.38
N ASP A 236 6.98 -13.40 -15.01
CA ASP A 236 7.07 -14.87 -15.27
C ASP A 236 6.01 -15.59 -14.43
N GLY A 237 6.00 -15.37 -13.11
CA GLY A 237 5.19 -16.14 -12.14
C GLY A 237 3.70 -15.94 -12.34
N ALA A 238 3.23 -14.70 -12.29
CA ALA A 238 1.80 -14.37 -12.31
C ALA A 238 1.36 -13.98 -13.72
N GLY A 239 2.27 -14.00 -14.71
CA GLY A 239 1.92 -13.84 -16.14
C GLY A 239 1.45 -12.45 -16.53
N LEU A 240 1.99 -11.38 -15.93
CA LEU A 240 1.69 -9.97 -16.31
C LEU A 240 2.60 -9.58 -17.47
N LYS A 241 2.07 -8.86 -18.46
CA LYS A 241 2.88 -8.30 -19.60
C LYS A 241 2.45 -6.85 -19.84
N ASP A 242 3.36 -6.05 -20.40
CA ASP A 242 3.13 -4.62 -20.80
C ASP A 242 1.69 -4.41 -21.27
N GLY A 243 1.01 -3.36 -20.80
CA GLY A 243 -0.36 -2.99 -21.25
C GLY A 243 -1.48 -3.59 -20.40
N ASP A 244 -1.22 -4.70 -19.68
CA ASP A 244 -2.20 -5.38 -18.77
C ASP A 244 -2.83 -4.39 -17.75
N ASP A 245 -4.17 -4.40 -17.65
CA ASP A 245 -4.98 -3.78 -16.57
C ASP A 245 -5.04 -4.75 -15.37
N VAL A 246 -4.26 -4.48 -14.33
CA VAL A 246 -3.99 -5.40 -13.20
C VAL A 246 -4.76 -4.91 -11.98
N VAL A 247 -5.53 -5.80 -11.36
CA VAL A 247 -6.24 -5.53 -10.08
C VAL A 247 -5.65 -6.48 -9.03
N ALA A 248 -5.32 -5.91 -7.87
CA ALA A 248 -4.73 -6.62 -6.71
C ALA A 248 -5.71 -6.49 -5.55
N TYR A 249 -5.79 -7.52 -4.74
CA TYR A 249 -6.76 -7.62 -3.64
C TYR A 249 -6.16 -8.49 -2.54
N CYS A 250 -6.48 -8.16 -1.29
CA CYS A 250 -6.13 -8.94 -0.09
C CYS A 250 -7.45 -9.29 0.61
N ARG A 251 -7.53 -9.06 1.92
CA ARG A 251 -8.79 -9.08 2.72
C ARG A 251 -9.38 -7.68 2.78
N ILE A 252 -8.53 -6.70 2.96
CA ILE A 252 -8.89 -5.26 2.98
C ILE A 252 -7.84 -4.52 2.14
N GLY A 253 -8.23 -3.36 1.59
CA GLY A 253 -7.42 -2.60 0.62
C GLY A 253 -6.12 -2.13 1.22
N GLU A 254 -6.11 -1.91 2.53
CA GLU A 254 -4.91 -1.52 3.33
C GLU A 254 -3.76 -2.50 3.02
N ARG A 255 -4.09 -3.78 2.87
CA ARG A 255 -3.09 -4.88 2.78
C ARG A 255 -2.67 -5.12 1.33
N SER A 256 -3.42 -4.63 0.33
CA SER A 256 -3.12 -4.87 -1.11
C SER A 256 -2.40 -3.64 -1.69
N SER A 257 -2.20 -2.60 -0.86
CA SER A 257 -1.54 -1.32 -1.28
C SER A 257 -0.05 -1.52 -1.59
N HIS A 258 0.62 -2.37 -0.83
CA HIS A 258 2.06 -2.67 -1.03
C HIS A 258 2.27 -3.20 -2.45
N THR A 259 1.44 -4.16 -2.86
CA THR A 259 1.59 -4.84 -4.17
C THR A 259 1.25 -3.82 -5.26
N TRP A 260 0.18 -3.08 -5.05
CA TRP A 260 -0.19 -1.96 -5.96
C TRP A 260 1.07 -1.12 -6.22
N PHE A 261 1.81 -0.82 -5.14
CA PHE A 261 2.96 0.11 -5.18
C PHE A 261 4.09 -0.56 -5.97
N VAL A 262 4.27 -1.87 -5.78
CA VAL A 262 5.28 -2.68 -6.50
C VAL A 262 4.95 -2.63 -7.99
N LEU A 263 3.71 -2.91 -8.37
CA LEU A 263 3.30 -3.07 -9.79
C LEU A 263 3.39 -1.71 -10.48
N GLN A 264 2.99 -0.64 -9.79
CA GLN A 264 2.78 0.67 -10.43
C GLN A 264 4.10 1.45 -10.45
N HIS A 265 4.88 1.42 -9.36
CA HIS A 265 6.03 2.35 -9.17
C HIS A 265 7.37 1.63 -9.31
N LEU A 266 7.44 0.33 -9.07
CA LEU A 266 8.74 -0.40 -9.19
C LEU A 266 8.81 -1.15 -10.52
N LEU A 267 7.74 -1.75 -10.99
CA LEU A 267 7.69 -2.43 -12.31
C LEU A 267 7.17 -1.50 -13.41
N GLY A 268 6.48 -0.41 -13.05
CA GLY A 268 6.00 0.59 -14.02
C GLY A 268 4.81 0.14 -14.86
N PHE A 269 3.98 -0.80 -14.37
CA PHE A 269 2.66 -1.09 -14.99
C PHE A 269 1.86 0.21 -14.94
N GLU A 270 1.30 0.62 -16.10
CA GLU A 270 0.62 1.92 -16.31
C GLU A 270 -0.80 1.88 -15.70
N ASN A 271 -1.50 0.75 -15.79
CA ASN A 271 -2.90 0.58 -15.30
C ASN A 271 -2.91 -0.45 -14.15
N VAL A 272 -2.90 0.04 -12.90
CA VAL A 272 -2.84 -0.82 -11.67
C VAL A 272 -3.90 -0.33 -10.65
N ARG A 273 -4.92 -1.14 -10.38
CA ARG A 273 -5.98 -0.74 -9.43
C ARG A 273 -5.93 -1.67 -8.21
N ASN A 274 -6.10 -1.04 -7.05
CA ASN A 274 -6.34 -1.67 -5.75
C ASN A 274 -7.85 -1.93 -5.56
N TYR A 275 -8.26 -3.20 -5.50
CA TYR A 275 -9.64 -3.61 -5.11
C TYR A 275 -9.74 -3.67 -3.57
N ASP A 276 -10.16 -2.54 -2.98
CA ASP A 276 -10.02 -2.34 -1.50
C ASP A 276 -11.12 -3.13 -0.78
N GLY A 277 -12.31 -3.22 -1.38
CA GLY A 277 -13.36 -4.16 -0.95
C GLY A 277 -12.71 -5.47 -0.56
N SER A 278 -11.92 -6.04 -1.47
CA SER A 278 -11.07 -7.21 -1.20
C SER A 278 -11.96 -8.36 -0.72
N TRP A 279 -11.36 -9.32 -0.01
CA TRP A 279 -12.06 -10.60 0.27
C TRP A 279 -13.16 -10.39 1.30
N THR A 280 -13.03 -9.40 2.17
CA THR A 280 -14.05 -9.07 3.19
C THR A 280 -15.32 -8.66 2.48
N GLU A 281 -15.23 -7.98 1.36
CA GLU A 281 -16.40 -7.67 0.51
C GLU A 281 -16.76 -8.89 -0.35
N TRP A 282 -15.80 -9.43 -1.10
CA TRP A 282 -16.07 -10.45 -2.14
C TRP A 282 -16.66 -11.71 -1.52
N GLY A 283 -16.11 -12.21 -0.42
CA GLY A 283 -16.53 -13.47 0.22
C GLY A 283 -17.84 -13.33 0.98
N SER A 284 -18.43 -12.13 1.04
CA SER A 284 -19.74 -11.88 1.67
C SER A 284 -20.77 -11.37 0.66
N ALA A 285 -20.37 -11.09 -0.58
CA ALA A 285 -21.24 -10.56 -1.66
C ALA A 285 -22.11 -11.68 -2.24
N VAL A 286 -23.29 -11.36 -2.74
CA VAL A 286 -24.22 -12.35 -3.35
C VAL A 286 -23.84 -12.59 -4.80
N ARG A 287 -23.77 -13.86 -5.20
CA ARG A 287 -23.72 -14.29 -6.62
C ARG A 287 -22.53 -13.63 -7.32
N VAL A 288 -21.37 -13.68 -6.67
CA VAL A 288 -20.05 -13.34 -7.27
C VAL A 288 -19.23 -14.62 -7.38
N PRO A 289 -18.49 -14.82 -8.50
CA PRO A 289 -17.72 -16.05 -8.72
C PRO A 289 -16.63 -16.33 -7.68
N ILE A 290 -16.58 -17.56 -7.17
CA ILE A 290 -15.55 -18.05 -6.20
C ILE A 290 -15.08 -19.45 -6.66
N VAL A 291 -13.77 -19.74 -6.57
CA VAL A 291 -13.26 -21.14 -6.64
C VAL A 291 -12.36 -21.40 -5.45
N GLN A 292 -12.18 -22.68 -5.19
CA GLN A 292 -11.27 -23.18 -4.15
C GLN A 292 -10.16 -23.94 -4.85
N GLY A 293 -9.13 -24.34 -4.10
CA GLY A 293 -7.91 -24.94 -4.67
C GLY A 293 -6.85 -23.90 -4.97
N SER A 294 -5.61 -24.33 -5.15
CA SER A 294 -4.44 -23.44 -5.33
C SER A 294 -4.22 -23.14 -6.82
N GLU A 295 -5.05 -23.74 -7.69
CA GLU A 295 -5.09 -23.39 -9.13
C GLU A 295 -5.86 -22.09 -9.29
N PRO A 296 -5.30 -21.10 -10.04
CA PRO A 296 -6.01 -19.84 -10.32
C PRO A 296 -7.47 -20.01 -10.73
N GLY A 297 -7.67 -20.91 -11.68
CA GLY A 297 -8.96 -21.25 -12.29
C GLY A 297 -9.13 -20.52 -13.60
N GLU A 298 -9.99 -21.06 -14.46
CA GLU A 298 -10.53 -20.38 -15.66
C GLU A 298 -11.44 -19.24 -15.20
N ALA A 299 -11.38 -18.09 -15.88
CA ALA A 299 -12.26 -16.96 -15.59
C ALA A 299 -13.64 -17.29 -16.14
N PRO A 300 -14.74 -16.82 -15.52
CA PRO A 300 -16.05 -16.90 -16.14
C PRO A 300 -16.24 -15.67 -17.05
N ALA A 301 -17.34 -15.63 -17.80
CA ALA A 301 -17.82 -14.48 -18.60
C ALA A 301 -17.87 -13.24 -17.70
N PRO A 302 -17.33 -12.10 -18.17
CA PRO A 302 -17.63 -10.80 -17.57
C PRO A 302 -19.10 -10.60 -17.15
N ILE A 303 -19.35 -10.26 -15.88
CA ILE A 303 -20.72 -10.15 -15.27
C ILE A 303 -21.33 -8.78 -15.62
#